data_4OZR
#
_entry.id   4OZR
#
_cell.length_a   153.671
_cell.length_b   42.430
_cell.length_c   86.669
_cell.angle_alpha   90.00
_cell.angle_beta   117.70
_cell.angle_gamma   90.00
#
_symmetry.space_group_name_H-M   'C 1 2 1'
#
loop_
_entity.id
_entity.type
_entity.pdbx_description
1 polymer 'Ecdysone receptor'
2 polymer 'Retinoid X receptor'
3 water water
#
loop_
_entity_poly.entity_id
_entity_poly.type
_entity_poly.pdbx_seq_one_letter_code
_entity_poly.pdbx_strand_id
1 'polypeptide(L)'
;KPISPEQEELIHRLVYFQNEYEQPSDEDFRHITEITILTVQLIVEFAKRLPGFDKLLREDQIALLKACSSEVMMLRMARR
YDVGSDSILATVDDLLRFCRQMYGMKVDNAEYALLTAIVIFSERPSLIEGWKVEKIQEIYLEALKVYVDNRRKPRSGTIF
AKLLSVLTELRTLGNLNSEMCFSLKLKNKKLPPFLAE
;
E
2 'polypeptide(L)'
;AANAVANICQATNTQLYQLVEWAKHIPHFSSLPIEDQVLLLRAGWNELLIAAFSHRSVEVRDGIVLGAGITVHRNSAHQA
GVGTIFDRVLTELVAKMRDMNMDRTELGSLRSIILFNPEVRGLKSGQEVELLREKVYAALEEYTRVTRPEEPGRFAKLLL
RLPALRSIGLKCLEHLFFFRLIGDIPIDTFLMDMLG
;
U
#
# COMPACT_ATOMS: atom_id res chain seq x y z
N LYS A 1 -21.63 -10.76 15.16
CA LYS A 1 -22.46 -10.93 16.35
C LYS A 1 -21.89 -10.31 17.65
N PRO A 2 -20.56 -10.26 17.81
CA PRO A 2 -20.03 -9.49 18.94
C PRO A 2 -20.50 -8.05 18.90
N ILE A 3 -20.51 -7.40 20.05
CA ILE A 3 -21.14 -6.10 20.21
C ILE A 3 -20.16 -4.92 20.18
N SER A 4 -20.66 -3.75 19.76
CA SER A 4 -19.89 -2.52 19.79
C SER A 4 -20.26 -1.69 21.01
N PRO A 5 -19.26 -1.35 21.84
CA PRO A 5 -19.44 -0.53 23.04
C PRO A 5 -19.38 0.93 22.67
N GLU A 6 -18.76 1.73 23.52
CA GLU A 6 -18.67 3.16 23.19
CA GLU A 6 -18.52 3.16 23.32
C GLU A 6 -17.51 3.44 22.23
N GLN A 7 -17.34 2.54 21.27
CA GLN A 7 -16.54 2.78 20.10
C GLN A 7 -17.47 3.61 19.22
N GLU A 8 -18.75 3.55 19.58
CA GLU A 8 -19.79 4.31 18.89
C GLU A 8 -19.72 5.80 19.17
N GLU A 9 -19.19 6.19 20.33
CA GLU A 9 -18.97 7.61 20.60
C GLU A 9 -17.83 8.11 19.72
N LEU A 10 -16.77 7.31 19.64
CA LEU A 10 -15.66 7.56 18.74
C LEU A 10 -16.18 7.76 17.33
N ILE A 11 -17.03 6.84 16.88
CA ILE A 11 -17.64 6.92 15.55
C ILE A 11 -18.51 8.18 15.41
N HIS A 12 -19.18 8.57 16.49
CA HIS A 12 -20.04 9.75 16.48
C HIS A 12 -19.23 11.02 16.26
N ARG A 13 -18.17 11.20 17.02
CA ARG A 13 -17.35 12.40 16.89
C ARG A 13 -16.55 12.36 15.58
N LEU A 14 -16.23 11.16 15.12
CA LEU A 14 -15.55 11.00 13.83
C LEU A 14 -16.44 11.50 12.71
N VAL A 15 -17.69 11.03 12.69
CA VAL A 15 -18.66 11.47 11.70
C VAL A 15 -18.93 12.97 11.82
N TYR A 16 -19.08 13.43 13.05
CA TYR A 16 -19.37 14.83 13.34
C TYR A 16 -18.29 15.76 12.79
N PHE A 17 -17.05 15.51 13.18
CA PHE A 17 -15.93 16.33 12.74
C PHE A 17 -15.62 16.14 11.25
N GLN A 18 -15.94 14.97 10.72
CA GLN A 18 -15.82 14.75 9.29
C GLN A 18 -16.77 15.70 8.57
N ASN A 19 -17.99 15.80 9.09
CA ASN A 19 -19.02 16.65 8.50
C ASN A 19 -18.74 18.14 8.68
N GLU A 20 -18.15 18.51 9.80
CA GLU A 20 -17.84 19.91 10.05
C GLU A 20 -16.76 20.43 9.11
N TYR A 21 -15.75 19.61 8.86
CA TYR A 21 -14.57 20.03 8.11
C TYR A 21 -14.53 19.49 6.68
N GLU A 22 -15.71 19.24 6.11
CA GLU A 22 -15.80 18.69 4.76
C GLU A 22 -15.79 19.79 3.70
N GLN A 23 -16.07 21.02 4.11
CA GLN A 23 -16.13 22.13 3.18
C GLN A 23 -15.72 23.44 3.85
N PRO A 24 -14.97 24.29 3.13
CA PRO A 24 -14.55 25.64 3.53
C PRO A 24 -15.61 26.41 4.30
N SER A 25 -15.26 26.87 5.50
CA SER A 25 -16.12 27.76 6.26
C SER A 25 -16.34 29.04 5.47
N ASP A 26 -15.24 29.64 5.03
CA ASP A 26 -15.28 30.83 4.18
CA ASP A 26 -15.31 30.79 4.15
C ASP A 26 -14.15 30.80 3.16
N GLU A 27 -14.47 31.11 1.91
CA GLU A 27 -13.49 31.05 0.83
C GLU A 27 -12.89 32.42 0.52
N ASP A 28 -13.50 33.47 1.06
CA ASP A 28 -13.03 34.85 0.89
C ASP A 28 -12.90 35.30 -0.56
N PHE A 29 -0.56 31.61 -12.42
CA PHE A 29 -1.83 30.89 -12.32
C PHE A 29 -1.70 29.70 -11.37
N ARG A 30 -0.72 29.76 -10.48
CA ARG A 30 -0.53 28.71 -9.50
C ARG A 30 -0.71 29.26 -8.09
N HIS A 31 -1.54 30.30 -7.97
CA HIS A 31 -1.80 30.91 -6.68
C HIS A 31 -3.28 30.84 -6.33
N ILE A 32 -4.10 30.45 -7.32
CA ILE A 32 -5.52 30.24 -7.10
C ILE A 32 -5.73 28.80 -6.58
N THR A 33 -4.61 28.15 -6.26
CA THR A 33 -4.64 26.88 -5.55
C THR A 33 -4.46 27.08 -4.05
N GLU A 34 -4.91 28.24 -3.57
CA GLU A 34 -5.04 28.49 -2.13
C GLU A 34 -6.17 27.60 -1.60
N ILE A 35 -7.01 27.16 -2.52
CA ILE A 35 -8.02 26.16 -2.20
C ILE A 35 -7.33 24.91 -1.66
N THR A 36 -6.14 24.60 -2.15
CA THR A 36 -5.39 23.43 -1.69
C THR A 36 -4.96 23.55 -0.24
N ILE A 37 -4.34 24.68 0.12
CA ILE A 37 -3.97 24.91 1.51
C ILE A 37 -5.23 24.96 2.39
N LEU A 38 -6.35 25.34 1.77
CA LEU A 38 -7.64 25.30 2.47
C LEU A 38 -8.08 23.85 2.82
N THR A 39 -8.17 22.97 1.82
CA THR A 39 -8.57 21.58 2.12
C THR A 39 -7.56 20.94 3.05
N VAL A 40 -6.29 21.31 2.88
CA VAL A 40 -5.24 20.83 3.76
C VAL A 40 -5.56 21.21 5.20
N GLN A 41 -5.75 22.49 5.46
CA GLN A 41 -6.05 22.94 6.82
C GLN A 41 -7.30 22.28 7.39
N LEU A 42 -8.31 22.06 6.55
CA LEU A 42 -9.48 21.27 6.96
C LEU A 42 -9.05 19.87 7.44
N ILE A 43 -8.20 19.23 6.64
CA ILE A 43 -7.70 17.90 6.95
C ILE A 43 -6.98 17.87 8.29
N VAL A 44 -6.11 18.85 8.54
CA VAL A 44 -5.42 18.87 9.83
C VAL A 44 -6.36 19.21 10.99
N GLU A 45 -7.45 19.94 10.71
CA GLU A 45 -8.48 20.13 11.74
C GLU A 45 -9.08 18.76 12.13
N PHE A 46 -9.50 18.03 11.10
CA PHE A 46 -10.04 16.69 11.32
C PHE A 46 -9.07 15.80 12.10
N ALA A 47 -7.80 15.83 11.70
CA ALA A 47 -6.77 15.03 12.37
C ALA A 47 -6.55 15.48 13.81
N LYS A 48 -6.71 16.78 14.05
CA LYS A 48 -6.57 17.35 15.38
C LYS A 48 -7.66 16.81 16.28
N ARG A 49 -8.88 16.78 15.77
CA ARG A 49 -10.00 16.25 16.55
C ARG A 49 -9.86 14.75 16.85
N LEU A 50 -9.07 14.06 16.04
CA LEU A 50 -8.89 12.62 16.17
C LEU A 50 -8.18 12.23 17.47
N PRO A 51 -8.84 11.37 18.26
CA PRO A 51 -8.29 10.83 19.52
C PRO A 51 -6.99 10.05 19.29
N GLY A 52 -5.98 10.37 20.10
CA GLY A 52 -4.69 9.70 20.00
C GLY A 52 -3.66 10.51 19.24
N PHE A 53 -4.13 11.54 18.53
CA PHE A 53 -3.25 12.38 17.73
C PHE A 53 -2.43 13.30 18.63
N ASP A 54 -3.01 13.66 19.77
CA ASP A 54 -2.33 14.51 20.75
C ASP A 54 -1.20 13.76 21.44
N LYS A 55 -1.31 12.43 21.47
CA LYS A 55 -0.31 11.58 22.09
C LYS A 55 0.98 11.56 21.27
N LEU A 56 0.87 11.99 20.01
CA LEU A 56 2.00 12.03 19.10
C LEU A 56 2.87 13.28 19.35
N LEU A 57 4.15 13.17 19.04
CA LEU A 57 5.04 14.34 19.10
C LEU A 57 4.97 15.11 17.78
N ARG A 58 5.18 16.42 17.88
CA ARG A 58 4.95 17.36 16.78
C ARG A 58 5.46 16.94 15.39
N GLU A 59 6.55 16.20 15.35
CA GLU A 59 7.16 15.82 14.06
C GLU A 59 6.49 14.61 13.42
N ASP A 60 6.04 13.68 14.24
CA ASP A 60 5.23 12.55 13.75
C ASP A 60 3.91 13.03 13.16
N GLN A 61 3.32 14.06 13.77
CA GLN A 61 2.09 14.65 13.26
C GLN A 61 2.34 15.30 11.91
N ILE A 62 3.42 16.07 11.80
CA ILE A 62 3.80 16.69 10.53
C ILE A 62 3.97 15.63 9.45
N ALA A 63 4.76 14.60 9.77
CA ALA A 63 5.03 13.53 8.81
C ALA A 63 3.75 12.86 8.34
N LEU A 64 2.88 12.50 9.29
CA LEU A 64 1.61 11.87 8.95
C LEU A 64 0.73 12.74 8.06
N LEU A 65 0.55 13.99 8.45
CA LEU A 65 -0.29 14.92 7.69
C LEU A 65 0.24 15.12 6.27
N LYS A 66 1.55 15.35 6.19
CA LYS A 66 2.21 15.61 4.93
C LYS A 66 2.18 14.38 4.02
N ALA A 67 2.18 13.20 4.62
CA ALA A 67 2.16 11.96 3.85
C ALA A 67 0.74 11.54 3.44
N CYS A 68 -0.26 11.99 4.19
CA CYS A 68 -1.62 11.50 4.00
C CYS A 68 -2.56 12.50 3.33
N SER A 69 -2.17 13.76 3.31
CA SER A 69 -3.02 14.84 2.80
C SER A 69 -3.63 14.56 1.42
N SER A 70 -2.82 14.05 0.51
CA SER A 70 -3.29 13.70 -0.83
C SER A 70 -4.34 12.59 -0.84
N GLU A 71 -4.02 11.48 -0.18
CA GLU A 71 -4.93 10.35 -0.09
C GLU A 71 -6.27 10.77 0.52
N VAL A 72 -6.18 11.57 1.59
CA VAL A 72 -7.35 12.12 2.23
C VAL A 72 -8.13 13.01 1.26
N MET A 73 -7.42 13.76 0.41
CA MET A 73 -8.09 14.55 -0.63
C MET A 73 -8.85 13.64 -1.59
N MET A 74 -8.27 12.48 -1.89
CA MET A 74 -8.92 11.50 -2.77
C MET A 74 -10.20 10.95 -2.16
N LEU A 75 -10.14 10.60 -0.87
CA LEU A 75 -11.33 10.14 -0.16
C LEU A 75 -12.39 11.25 -0.10
N ARG A 76 -11.92 12.47 0.13
CA ARG A 76 -12.74 13.67 0.22
C ARG A 76 -13.43 13.90 -1.11
N MET A 77 -12.80 13.45 -2.19
CA MET A 77 -13.36 13.59 -3.52
C MET A 77 -14.37 12.49 -3.82
N ALA A 78 -14.03 11.27 -3.44
CA ALA A 78 -14.89 10.12 -3.66
C ALA A 78 -16.19 10.22 -2.87
N ARG A 79 -16.14 10.89 -1.72
CA ARG A 79 -17.34 11.07 -0.91
C ARG A 79 -18.23 12.16 -1.50
N ARG A 80 -17.67 12.98 -2.38
CA ARG A 80 -18.42 14.04 -3.05
C ARG A 80 -18.98 13.54 -4.38
N TYR A 81 -18.41 12.46 -4.89
CA TYR A 81 -18.82 11.89 -6.16
C TYR A 81 -20.27 11.40 -6.12
N ASP A 82 -20.93 11.49 -7.26
CA ASP A 82 -22.27 10.93 -7.45
C ASP A 82 -22.59 10.91 -8.94
N VAL A 83 -23.11 9.79 -9.43
CA VAL A 83 -23.51 9.69 -10.83
C VAL A 83 -24.60 10.70 -11.17
N GLY A 84 -24.32 11.56 -12.14
CA GLY A 84 -23.04 11.53 -12.81
C GLY A 84 -22.99 12.24 -14.15
N SER A 85 -21.87 12.88 -14.47
CA SER A 85 -20.72 12.95 -13.56
C SER A 85 -20.00 14.29 -13.72
N ASP A 86 -19.21 14.65 -12.73
CA ASP A 86 -18.46 15.91 -12.77
C ASP A 86 -16.95 15.70 -12.79
N SER A 87 -16.23 16.72 -13.19
CA SER A 87 -14.77 16.65 -13.29
C SER A 87 -14.07 17.32 -12.11
N ILE A 88 -12.75 17.19 -12.09
CA ILE A 88 -11.92 17.57 -10.94
C ILE A 88 -11.55 19.06 -10.92
N LEU A 89 -11.53 19.64 -9.72
CA LEU A 89 -11.05 21.00 -9.52
C LEU A 89 -9.79 21.01 -8.67
N ALA A 90 -2.85 12.61 -17.62
CA ALA A 90 -2.32 12.61 -16.25
C ALA A 90 -2.93 11.48 -15.44
N THR A 91 -3.50 10.49 -16.14
CA THR A 91 -4.03 9.28 -15.52
C THR A 91 -5.10 9.58 -14.46
N VAL A 92 -6.05 10.45 -14.80
CA VAL A 92 -7.11 10.84 -13.87
C VAL A 92 -8.30 9.87 -13.93
N ASP A 93 -8.33 9.06 -14.97
CA ASP A 93 -9.38 8.06 -15.13
C ASP A 93 -9.28 7.00 -14.05
N ASP A 94 -8.13 6.92 -13.39
CA ASP A 94 -7.96 6.01 -12.26
C ASP A 94 -8.54 6.63 -10.99
N LEU A 95 -8.53 7.95 -10.92
CA LEU A 95 -9.14 8.67 -9.82
C LEU A 95 -10.65 8.54 -9.96
N LEU A 96 -11.15 8.75 -11.17
CA LEU A 96 -12.58 8.59 -11.43
C LEU A 96 -13.01 7.13 -11.23
N ARG A 97 -12.17 6.19 -11.65
CA ARG A 97 -12.46 4.78 -11.44
C ARG A 97 -12.49 4.46 -9.94
N PHE A 98 -11.59 5.10 -9.19
CA PHE A 98 -11.57 4.97 -7.74
C PHE A 98 -12.89 5.44 -7.16
N CYS A 99 -13.37 6.58 -7.66
CA CYS A 99 -14.66 7.12 -7.24
C CYS A 99 -15.80 6.14 -7.54
N ARG A 100 -15.75 5.51 -8.70
CA ARG A 100 -16.76 4.53 -9.10
C ARG A 100 -16.72 3.29 -8.21
N GLN A 101 -15.51 2.91 -7.79
CA GLN A 101 -15.34 1.79 -6.88
C GLN A 101 -15.97 2.13 -5.52
N MET A 102 -15.66 3.33 -5.04
CA MET A 102 -16.19 3.80 -3.77
C MET A 102 -17.72 3.87 -3.77
N TYR A 103 -18.28 4.41 -4.84
CA TYR A 103 -19.74 4.49 -4.97
C TYR A 103 -20.33 3.08 -5.10
N GLY A 104 -19.58 2.18 -5.72
CA GLY A 104 -20.02 0.81 -5.89
C GLY A 104 -20.14 0.06 -4.57
N MET A 105 -19.28 0.40 -3.62
CA MET A 105 -19.29 -0.28 -2.32
C MET A 105 -20.33 0.33 -1.37
N LYS A 106 -20.92 1.44 -1.77
CA LYS A 106 -21.88 2.16 -0.93
C LYS A 106 -21.30 2.50 0.44
N VAL A 107 -20.11 3.11 0.44
CA VAL A 107 -19.44 3.48 1.68
C VAL A 107 -20.18 4.59 2.39
N ASP A 108 -20.64 4.32 3.62
CA ASP A 108 -21.36 5.33 4.40
C ASP A 108 -20.38 6.28 5.11
N ASN A 109 -20.93 7.20 5.89
CA ASN A 109 -20.11 8.26 6.50
C ASN A 109 -19.19 7.82 7.64
N ALA A 110 -19.60 6.83 8.40
CA ALA A 110 -18.75 6.29 9.48
C ALA A 110 -17.58 5.51 8.91
N GLU A 111 -17.83 4.81 7.81
CA GLU A 111 -16.78 4.07 7.12
C GLU A 111 -15.80 5.04 6.46
N TYR A 112 -16.32 6.16 5.97
CA TYR A 112 -15.48 7.19 5.38
C TYR A 112 -14.61 7.85 6.44
N ALA A 113 -15.22 8.18 7.58
CA ALA A 113 -14.51 8.83 8.68
C ALA A 113 -13.43 7.91 9.24
N LEU A 114 -13.82 6.67 9.52
CA LEU A 114 -12.87 5.68 10.02
C LEU A 114 -11.76 5.40 9.02
N LEU A 115 -12.11 5.37 7.73
CA LEU A 115 -11.10 5.19 6.69
C LEU A 115 -10.13 6.35 6.70
N THR A 116 -10.64 7.55 6.89
CA THR A 116 -9.81 8.75 6.93
C THR A 116 -8.85 8.68 8.11
N ALA A 117 -9.37 8.29 9.26
CA ALA A 117 -8.56 8.14 10.47
C ALA A 117 -7.46 7.12 10.26
N ILE A 118 -7.81 5.98 9.66
CA ILE A 118 -6.86 4.91 9.40
C ILE A 118 -5.80 5.35 8.38
N VAL A 119 -6.19 6.18 7.42
CA VAL A 119 -5.27 6.74 6.43
C VAL A 119 -4.26 7.64 7.14
N ILE A 120 -4.78 8.53 7.98
CA ILE A 120 -3.94 9.45 8.75
C ILE A 120 -2.95 8.69 9.65
N PHE A 121 -3.45 7.67 10.34
CA PHE A 121 -2.60 6.89 11.24
C PHE A 121 -1.97 5.68 10.55
N SER A 122 -1.60 5.84 9.29
CA SER A 122 -0.93 4.77 8.55
C SER A 122 0.57 4.76 8.85
N GLU A 123 1.20 3.62 8.66
CA GLU A 123 2.64 3.48 8.87
C GLU A 123 3.41 4.12 7.72
N ARG A 124 3.95 5.31 7.97
CA ARG A 124 4.73 6.01 6.97
C ARG A 124 6.22 5.83 7.27
N PRO A 125 7.05 5.85 6.21
CA PRO A 125 8.50 5.70 6.40
C PRO A 125 9.10 6.89 7.17
N SER A 126 10.21 6.63 7.86
CA SER A 126 10.93 7.65 8.62
C SER A 126 10.10 8.33 9.70
N LEU A 127 9.24 7.55 10.36
CA LEU A 127 8.57 8.01 11.57
C LEU A 127 9.45 7.66 12.76
N ILE A 128 9.57 8.57 13.73
CA ILE A 128 10.36 8.28 14.92
C ILE A 128 9.63 7.29 15.84
N GLU A 129 8.30 7.38 15.85
CA GLU A 129 7.49 6.45 16.64
C GLU A 129 6.40 5.79 15.80
N GLY A 130 6.79 4.82 14.97
CA GLY A 130 5.86 4.12 14.13
C GLY A 130 5.01 3.12 14.91
N TRP A 131 5.61 2.57 15.97
CA TRP A 131 4.94 1.61 16.85
C TRP A 131 3.66 2.21 17.45
N LYS A 132 3.73 3.47 17.85
CA LYS A 132 2.60 4.15 18.47
C LYS A 132 1.48 4.34 17.44
N VAL A 133 1.83 4.95 16.30
CA VAL A 133 0.91 5.16 15.19
C VAL A 133 0.18 3.87 14.82
N GLU A 134 0.96 2.80 14.70
CA GLU A 134 0.41 1.47 14.44
C GLU A 134 -0.60 1.05 15.51
N LYS A 135 -0.15 1.11 16.77
CA LYS A 135 -0.97 0.71 17.90
C LYS A 135 -2.30 1.43 18.00
N ILE A 136 -2.32 2.73 17.72
CA ILE A 136 -3.58 3.46 17.78
C ILE A 136 -4.39 3.30 16.50
N GLN A 137 -3.72 3.04 15.38
CA GLN A 137 -4.42 2.72 14.14
C GLN A 137 -5.23 1.45 14.33
N GLU A 138 -4.68 0.54 15.14
CA GLU A 138 -5.37 -0.69 15.49
C GLU A 138 -6.77 -0.47 16.07
N ILE A 139 -6.97 0.63 16.78
CA ILE A 139 -8.25 0.88 17.43
C ILE A 139 -9.31 1.43 16.48
N TYR A 140 -8.87 2.12 15.44
CA TYR A 140 -9.79 2.60 14.41
C TYR A 140 -10.10 1.45 13.48
N LEU A 141 -9.11 0.60 13.26
CA LEU A 141 -9.32 -0.66 12.55
C LEU A 141 -10.30 -1.52 13.32
N GLU A 142 -10.28 -1.40 14.64
CA GLU A 142 -11.15 -2.18 15.51
C GLU A 142 -12.58 -1.65 15.43
N ALA A 143 -12.72 -0.34 15.60
CA ALA A 143 -14.02 0.32 15.48
C ALA A 143 -14.64 -0.03 14.14
N LEU A 144 -13.86 0.10 13.07
CA LEU A 144 -14.33 -0.24 11.73
C LEU A 144 -14.69 -1.72 11.61
N LYS A 145 -13.91 -2.57 12.26
CA LYS A 145 -14.11 -4.01 12.22
C LYS A 145 -15.46 -4.38 12.82
N VAL A 146 -15.67 -4.01 14.08
CA VAL A 146 -16.92 -4.33 14.76
C VAL A 146 -18.10 -3.56 14.18
N TYR A 147 -17.80 -2.45 13.51
CA TYR A 147 -18.86 -1.67 12.87
C TYR A 147 -19.39 -2.39 11.65
N VAL A 148 -18.48 -2.79 10.77
CA VAL A 148 -18.81 -3.45 9.51
C VAL A 148 -19.74 -4.66 9.70
N ASP A 149 -19.41 -5.53 10.65
CA ASP A 149 -20.19 -6.73 10.90
C ASP A 149 -21.34 -6.50 11.88
N ASN A 150 -21.91 -5.30 11.86
CA ASN A 150 -23.06 -4.96 12.70
C ASN A 150 -24.20 -4.33 11.91
N ARG A 151 -23.87 -3.27 11.17
CA ARG A 151 -24.84 -2.47 10.44
C ARG A 151 -25.07 -2.94 9.00
N ARG A 152 -23.98 -3.34 8.35
CA ARG A 152 -24.04 -3.93 7.00
C ARG A 152 -24.87 -5.20 7.02
N LYS A 153 -25.02 -5.86 5.87
CA LYS A 153 -25.76 -7.12 5.82
C LYS A 153 -24.79 -8.25 5.52
N PRO A 154 -24.06 -8.71 6.55
CA PRO A 154 -22.96 -9.44 5.95
C PRO A 154 -22.79 -10.95 6.25
N ARG A 155 -22.25 -11.60 5.21
CA ARG A 155 -21.22 -12.61 5.33
C ARG A 155 -20.27 -12.16 4.24
N SER A 156 -19.03 -11.85 4.58
CA SER A 156 -18.49 -11.94 5.93
C SER A 156 -18.70 -10.77 6.92
N GLY A 157 -18.63 -9.50 6.51
CA GLY A 157 -18.45 -9.06 5.14
C GLY A 157 -17.02 -9.01 4.66
N THR A 158 -16.83 -9.40 3.40
CA THR A 158 -15.53 -9.28 2.79
C THR A 158 -15.33 -7.83 2.35
N ILE A 159 -16.31 -7.00 2.72
CA ILE A 159 -16.31 -5.56 2.46
C ILE A 159 -15.37 -4.80 3.39
N PHE A 160 -14.92 -5.46 4.46
CA PHE A 160 -13.94 -4.85 5.36
C PHE A 160 -12.58 -4.84 4.67
N ALA A 161 -12.21 -5.96 4.07
CA ALA A 161 -10.99 -6.05 3.27
C ALA A 161 -11.09 -5.13 2.06
N LYS A 162 -12.27 -5.08 1.46
CA LYS A 162 -12.53 -4.20 0.32
C LYS A 162 -12.35 -2.73 0.74
N LEU A 163 -12.69 -2.44 1.99
CA LEU A 163 -12.52 -1.11 2.53
C LEU A 163 -11.04 -0.83 2.80
N LEU A 164 -10.30 -1.89 3.15
CA LEU A 164 -8.88 -1.77 3.44
C LEU A 164 -7.99 -1.72 2.18
N SER A 165 -8.54 -2.12 1.04
CA SER A 165 -7.79 -2.06 -0.23
C SER A 165 -7.69 -0.61 -0.71
N VAL A 166 -8.62 0.21 -0.22
CA VAL A 166 -8.64 1.62 -0.54
C VAL A 166 -7.32 2.30 -0.17
N LEU A 167 -6.69 1.85 0.91
CA LEU A 167 -5.40 2.38 1.32
C LEU A 167 -4.35 2.06 0.26
N THR A 168 -4.40 0.82 -0.23
CA THR A 168 -3.49 0.34 -1.24
C THR A 168 -3.63 1.15 -2.53
N GLU A 169 -4.86 1.52 -2.89
CA GLU A 169 -5.04 2.39 -4.06
C GLU A 169 -4.59 3.84 -3.79
N LEU A 170 -4.83 4.29 -2.56
CA LEU A 170 -4.46 5.64 -2.13
C LEU A 170 -2.94 5.81 -2.12
N ARG A 171 -2.21 4.71 -2.02
CA ARG A 171 -0.75 4.78 -2.17
C ARG A 171 -0.39 5.23 -3.58
N THR A 172 -1.03 4.62 -4.56
CA THR A 172 -0.83 4.96 -5.97
C THR A 172 -1.25 6.39 -6.26
N LEU A 173 -2.50 6.70 -5.92
CA LEU A 173 -3.03 8.04 -6.16
C LEU A 173 -2.19 9.13 -5.49
N GLY A 174 -1.79 8.87 -4.25
CA GLY A 174 -0.99 9.81 -3.48
C GLY A 174 0.38 9.99 -4.09
N ASN A 175 1.00 8.89 -4.50
CA ASN A 175 2.27 8.95 -5.20
C ASN A 175 2.18 9.84 -6.43
N LEU A 176 1.22 9.54 -7.30
CA LEU A 176 0.99 10.32 -8.50
C LEU A 176 0.79 11.82 -8.20
N ASN A 177 -0.10 12.12 -7.26
CA ASN A 177 -0.41 13.51 -6.93
C ASN A 177 0.79 14.25 -6.35
N SER A 178 1.59 13.55 -5.53
CA SER A 178 2.83 14.11 -5.02
C SER A 178 3.79 14.44 -6.16
N GLU A 179 3.86 13.53 -7.13
CA GLU A 179 4.67 13.78 -8.32
C GLU A 179 4.22 15.01 -9.11
N MET A 180 2.92 15.13 -9.36
CA MET A 180 2.40 16.26 -10.12
C MET A 180 2.55 17.58 -9.36
N CYS A 181 2.39 17.53 -8.04
CA CYS A 181 2.54 18.71 -7.21
C CYS A 181 3.99 19.15 -7.23
N PHE A 182 4.87 18.16 -7.26
CA PHE A 182 6.29 18.42 -7.30
C PHE A 182 6.75 19.06 -8.60
N SER A 183 6.35 18.45 -9.71
CA SER A 183 6.64 19.00 -11.03
C SER A 183 6.06 20.40 -11.16
N LEU A 184 4.89 20.59 -10.54
CA LEU A 184 4.28 21.91 -10.50
C LEU A 184 5.21 22.89 -9.79
N LYS A 185 5.74 22.45 -8.64
CA LYS A 185 6.67 23.29 -7.87
C LYS A 185 7.93 23.61 -8.67
N LEU A 186 8.37 22.67 -9.50
CA LEU A 186 9.55 22.86 -10.33
C LEU A 186 9.31 23.88 -11.45
N LYS A 187 8.18 23.73 -12.14
CA LYS A 187 7.88 24.58 -13.29
C LYS A 187 7.76 26.07 -12.95
N ASN A 188 7.47 26.38 -11.70
CA ASN A 188 7.35 27.77 -11.25
C ASN A 188 8.60 28.21 -10.48
N LYS A 189 9.49 28.92 -11.17
CA LYS A 189 10.86 29.11 -10.68
C LYS A 189 11.10 30.24 -9.66
N LYS A 190 12.17 30.07 -8.90
CA LYS A 190 12.67 31.04 -7.93
C LYS A 190 13.76 31.89 -8.61
N LEU A 191 13.69 33.22 -8.47
CA LEU A 191 14.66 34.11 -9.13
C LEU A 191 14.51 35.63 -8.89
N PRO A 192 15.43 36.23 -8.12
CA PRO A 192 15.66 37.67 -8.29
C PRO A 192 16.65 37.86 -9.45
N PRO A 193 16.74 39.09 -10.02
CA PRO A 193 17.59 39.37 -11.18
C PRO A 193 18.98 38.73 -11.16
N PHE A 194 19.09 37.72 -12.02
CA PHE A 194 20.27 36.95 -12.36
C PHE A 194 19.64 35.72 -13.02
N LEU A 195 20.40 34.70 -13.36
CA LEU A 195 19.97 33.82 -14.46
C LEU A 195 19.52 32.39 -14.16
N ALA A 196 19.05 31.72 -15.20
CA ALA A 196 18.59 30.34 -15.15
C ALA A 196 19.04 29.56 -16.39
N GLU A 197 19.40 28.29 -16.20
CA GLU A 197 19.91 27.47 -17.30
C GLU A 197 18.81 27.02 -18.26
N ALA B 1 34.79 -16.74 -20.86
CA ALA B 1 34.61 -17.83 -19.91
C ALA B 1 34.65 -17.33 -18.46
N ALA B 2 35.29 -16.18 -18.26
CA ALA B 2 35.39 -15.59 -16.94
C ALA B 2 34.09 -14.89 -16.60
N ASN B 3 33.49 -14.27 -17.61
CA ASN B 3 32.17 -13.67 -17.45
C ASN B 3 31.10 -14.42 -18.23
N ALA B 4 31.24 -15.74 -18.24
CA ALA B 4 30.21 -16.63 -18.75
C ALA B 4 29.28 -16.97 -17.59
N VAL B 5 29.48 -16.26 -16.48
CA VAL B 5 28.68 -16.41 -15.27
C VAL B 5 27.48 -15.47 -15.32
N ALA B 6 26.97 -15.25 -16.53
CA ALA B 6 25.72 -14.53 -16.73
C ALA B 6 24.55 -15.49 -16.60
N ASN B 7 24.84 -16.70 -16.10
CA ASN B 7 23.85 -17.73 -15.85
C ASN B 7 22.70 -17.20 -14.99
N ILE B 8 23.03 -16.20 -14.17
CA ILE B 8 22.05 -15.49 -13.34
C ILE B 8 20.84 -15.02 -14.15
N CYS B 9 21.05 -14.81 -15.45
CA CYS B 9 19.95 -14.54 -16.36
C CYS B 9 19.01 -15.72 -16.34
N GLN B 10 19.56 -16.92 -16.45
CA GLN B 10 18.76 -18.15 -16.42
C GLN B 10 18.21 -18.44 -15.03
N ALA B 11 18.88 -17.92 -14.00
CA ALA B 11 18.41 -18.08 -12.62
C ALA B 11 17.16 -17.26 -12.38
N THR B 12 17.23 -15.99 -12.79
CA THR B 12 16.09 -15.10 -12.72
C THR B 12 14.99 -15.57 -13.66
N ASN B 13 15.38 -16.22 -14.75
CA ASN B 13 14.42 -16.83 -15.67
C ASN B 13 13.68 -17.95 -14.96
N THR B 14 14.42 -18.75 -14.19
CA THR B 14 13.82 -19.80 -13.40
C THR B 14 12.85 -19.20 -12.39
N GLN B 15 13.28 -18.12 -11.74
CA GLN B 15 12.46 -17.43 -10.75
C GLN B 15 11.14 -16.94 -11.33
N LEU B 16 11.23 -16.27 -12.47
CA LEU B 16 10.06 -15.75 -13.18
C LEU B 16 9.13 -16.87 -13.66
N TYR B 17 9.72 -17.89 -14.26
CA TYR B 17 8.98 -19.09 -14.66
C TYR B 17 8.20 -19.64 -13.47
N GLN B 18 8.84 -19.63 -12.30
CA GLN B 18 8.22 -20.14 -11.09
C GLN B 18 7.15 -19.21 -10.56
N LEU B 19 7.27 -17.92 -10.86
CA LEU B 19 6.21 -16.98 -10.55
C LEU B 19 4.98 -17.34 -11.40
N VAL B 20 5.23 -17.60 -12.68
CA VAL B 20 4.15 -17.98 -13.60
C VAL B 20 3.48 -19.28 -13.17
N GLU B 21 4.28 -20.27 -12.81
CA GLU B 21 3.77 -21.56 -12.36
C GLU B 21 3.01 -21.43 -11.05
N TRP B 22 3.50 -20.57 -10.17
CA TRP B 22 2.80 -20.30 -8.92
C TRP B 22 1.44 -19.69 -9.20
N ALA B 23 1.40 -18.71 -10.08
CA ALA B 23 0.14 -18.06 -10.46
C ALA B 23 -0.83 -19.06 -11.07
N LYS B 24 -0.34 -19.89 -11.97
CA LYS B 24 -1.16 -20.90 -12.63
C LYS B 24 -1.80 -21.88 -11.65
N HIS B 25 -1.07 -22.20 -10.57
CA HIS B 25 -1.56 -23.14 -9.57
C HIS B 25 -2.46 -22.47 -8.54
N ILE B 26 -2.59 -21.16 -8.62
CA ILE B 26 -3.53 -20.44 -7.76
C ILE B 26 -4.95 -20.68 -8.27
N PRO B 27 -5.85 -21.11 -7.37
CA PRO B 27 -7.25 -21.40 -7.69
C PRO B 27 -7.93 -20.30 -8.48
N HIS B 28 -8.64 -20.69 -9.54
CA HIS B 28 -9.43 -19.79 -10.38
C HIS B 28 -8.61 -18.86 -11.27
N PHE B 29 -7.28 -18.93 -11.17
CA PHE B 29 -6.43 -18.07 -12.01
C PHE B 29 -6.37 -18.56 -13.45
N SER B 30 -6.24 -19.87 -13.63
CA SER B 30 -6.16 -20.45 -14.97
C SER B 30 -7.53 -20.52 -15.64
N SER B 31 -8.56 -20.21 -14.87
CA SER B 31 -9.93 -20.24 -15.39
C SER B 31 -10.27 -18.97 -16.17
N LEU B 32 -9.73 -17.85 -15.73
CA LEU B 32 -9.96 -16.57 -16.42
C LEU B 32 -9.11 -16.48 -17.68
N PRO B 33 -9.55 -15.69 -18.67
CA PRO B 33 -8.88 -15.65 -19.98
C PRO B 33 -7.39 -15.35 -19.93
N ILE B 34 -6.67 -15.76 -20.97
CA ILE B 34 -5.22 -15.64 -21.02
C ILE B 34 -4.74 -14.18 -21.04
N GLU B 35 -5.44 -13.33 -21.77
CA GLU B 35 -5.11 -11.90 -21.80
C GLU B 35 -5.14 -11.31 -20.39
N ASP B 36 -6.19 -11.65 -19.65
CA ASP B 36 -6.33 -11.23 -18.26
C ASP B 36 -5.17 -11.74 -17.41
N GLN B 37 -4.79 -12.98 -17.61
CA GLN B 37 -3.69 -13.60 -16.87
C GLN B 37 -2.39 -12.82 -17.10
N VAL B 38 -2.10 -12.59 -18.37
CA VAL B 38 -0.89 -11.87 -18.77
C VAL B 38 -0.88 -10.46 -18.19
N LEU B 39 -2.01 -9.78 -18.27
CA LEU B 39 -2.13 -8.43 -17.72
C LEU B 39 -1.90 -8.41 -16.20
N LEU B 40 -2.50 -9.37 -15.50
CA LEU B 40 -2.36 -9.46 -14.05
C LEU B 40 -0.92 -9.73 -13.63
N LEU B 41 -0.28 -10.70 -14.30
CA LEU B 41 1.11 -11.04 -14.02
C LEU B 41 2.03 -9.87 -14.31
N ARG B 42 1.84 -9.23 -15.46
CA ARG B 42 2.65 -8.09 -15.86
C ARG B 42 2.49 -6.93 -14.88
N ALA B 43 1.30 -6.76 -14.34
CA ALA B 43 1.03 -5.65 -13.44
C ALA B 43 1.46 -5.93 -11.99
N GLY B 44 1.68 -7.19 -11.66
CA GLY B 44 1.88 -7.55 -10.27
C GLY B 44 3.21 -8.21 -9.89
N TRP B 45 4.04 -8.51 -10.89
CA TRP B 45 5.25 -9.30 -10.65
C TRP B 45 6.22 -8.70 -9.63
N ASN B 46 6.32 -7.37 -9.60
CA ASN B 46 7.17 -6.70 -8.62
C ASN B 46 6.75 -6.99 -7.18
N GLU B 47 5.52 -6.63 -6.84
CA GLU B 47 5.00 -6.83 -5.49
C GLU B 47 5.01 -8.30 -5.09
N LEU B 48 4.67 -9.17 -6.04
CA LEU B 48 4.67 -10.61 -5.81
C LEU B 48 6.06 -11.11 -5.44
N LEU B 49 7.03 -10.81 -6.32
CA LEU B 49 8.40 -11.22 -6.11
C LEU B 49 8.96 -10.67 -4.80
N ILE B 50 8.75 -9.40 -4.52
CA ILE B 50 9.27 -8.82 -3.28
C ILE B 50 8.59 -9.41 -2.05
N ALA B 51 7.33 -9.81 -2.20
CA ALA B 51 6.61 -10.43 -1.10
C ALA B 51 7.24 -11.78 -0.78
N ALA B 52 7.41 -12.60 -1.82
CA ALA B 52 8.05 -13.90 -1.67
C ALA B 52 9.46 -13.78 -1.07
N PHE B 53 10.29 -12.94 -1.68
CA PHE B 53 11.68 -12.76 -1.25
C PHE B 53 11.76 -12.27 0.19
N SER B 54 10.96 -11.25 0.51
CA SER B 54 10.98 -10.69 1.86
C SER B 54 10.48 -11.70 2.88
N HIS B 55 9.57 -12.59 2.46
CA HIS B 55 9.13 -13.66 3.36
C HIS B 55 10.23 -14.71 3.52
N ARG B 56 11.06 -14.87 2.50
CA ARG B 56 12.19 -15.80 2.58
C ARG B 56 13.31 -15.23 3.45
N SER B 57 13.42 -13.91 3.49
CA SER B 57 14.54 -13.23 4.13
C SER B 57 14.34 -13.06 5.64
N VAL B 58 13.32 -13.73 6.18
CA VAL B 58 13.05 -13.68 7.61
C VAL B 58 14.18 -14.29 8.41
N GLU B 59 14.68 -15.43 7.96
CA GLU B 59 15.69 -16.18 8.70
C GLU B 59 17.10 -15.62 8.56
N VAL B 60 17.24 -14.50 7.85
CA VAL B 60 18.53 -13.84 7.72
C VAL B 60 18.45 -12.41 8.23
N ARG B 61 19.60 -11.83 8.56
CA ARG B 61 19.64 -10.47 9.07
C ARG B 61 20.35 -9.51 8.13
N ASP B 62 19.71 -8.37 7.89
CA ASP B 62 20.24 -7.33 7.01
C ASP B 62 20.54 -7.86 5.60
N GLY B 63 19.58 -8.59 5.05
CA GLY B 63 19.74 -9.16 3.72
C GLY B 63 18.43 -9.65 3.11
N ILE B 64 18.44 -9.83 1.81
CA ILE B 64 17.28 -10.33 1.07
C ILE B 64 17.71 -11.49 0.18
N VAL B 65 17.13 -12.66 0.41
CA VAL B 65 17.44 -13.82 -0.41
C VAL B 65 16.63 -13.77 -1.70
N LEU B 66 17.25 -14.18 -2.80
CA LEU B 66 16.64 -14.05 -4.12
C LEU B 66 16.35 -15.40 -4.77
N GLY B 67 17.13 -16.42 -4.42
CA GLY B 67 16.94 -17.73 -5.00
C GLY B 67 17.84 -18.84 -4.47
N ALA B 68 18.56 -19.49 -5.38
CA ALA B 68 19.37 -20.66 -5.05
C ALA B 68 20.42 -20.40 -3.98
N GLY B 69 21.42 -19.59 -4.32
CA GLY B 69 22.48 -19.26 -3.39
C GLY B 69 22.70 -17.76 -3.29
N ILE B 70 21.75 -17.00 -3.82
CA ILE B 70 21.85 -15.55 -3.84
C ILE B 70 21.23 -14.91 -2.60
N THR B 71 22.02 -14.08 -1.93
CA THR B 71 21.54 -13.33 -0.78
C THR B 71 22.16 -11.93 -0.81
N VAL B 72 21.39 -10.96 -1.28
CA VAL B 72 21.87 -9.59 -1.38
C VAL B 72 21.92 -8.93 -0.01
N HIS B 73 23.07 -8.38 0.35
CA HIS B 73 23.21 -7.72 1.65
C HIS B 73 23.12 -6.21 1.54
N ARG B 74 23.07 -5.54 2.67
CA ARG B 74 22.83 -4.10 2.73
C ARG B 74 23.93 -3.28 2.03
N ASN B 75 25.17 -3.69 2.20
CA ASN B 75 26.30 -3.01 1.55
C ASN B 75 26.19 -3.06 0.02
N SER B 76 25.92 -4.25 -0.51
CA SER B 76 25.77 -4.44 -1.95
C SER B 76 24.60 -3.62 -2.49
N ALA B 77 23.54 -3.53 -1.69
CA ALA B 77 22.34 -2.80 -2.09
C ALA B 77 22.60 -1.30 -2.14
N HIS B 78 23.20 -0.77 -1.08
CA HIS B 78 23.57 0.65 -1.05
C HIS B 78 24.53 0.97 -2.18
N GLN B 79 25.42 0.03 -2.49
CA GLN B 79 26.36 0.23 -3.58
CA GLN B 79 26.37 0.17 -3.60
C GLN B 79 25.63 0.20 -4.93
N ALA B 80 24.54 -0.56 -5.00
CA ALA B 80 23.75 -0.63 -6.22
C ALA B 80 22.96 0.65 -6.46
N GLY B 81 22.80 1.44 -5.41
CA GLY B 81 22.10 2.71 -5.49
C GLY B 81 20.67 2.62 -5.02
N VAL B 82 20.31 1.50 -4.42
CA VAL B 82 18.95 1.29 -3.93
C VAL B 82 18.92 0.84 -2.47
N GLY B 83 19.80 1.44 -1.65
CA GLY B 83 19.83 1.13 -0.24
C GLY B 83 18.56 1.54 0.47
N THR B 84 17.93 2.60 -0.04
CA THR B 84 16.67 3.11 0.49
C THR B 84 15.56 2.06 0.44
N ILE B 85 15.36 1.51 -0.75
CA ILE B 85 14.34 0.49 -0.97
C ILE B 85 14.68 -0.79 -0.22
N PHE B 86 15.97 -1.08 -0.09
CA PHE B 86 16.43 -2.25 0.65
C PHE B 86 16.06 -2.15 2.13
N ASP B 87 16.41 -1.02 2.73
CA ASP B 87 16.08 -0.77 4.13
C ASP B 87 14.57 -0.74 4.34
N ARG B 88 13.87 -0.14 3.38
CA ARG B 88 12.42 -0.07 3.43
C ARG B 88 11.80 -1.47 3.44
N VAL B 89 12.32 -2.34 2.59
CA VAL B 89 11.86 -3.73 2.52
C VAL B 89 12.17 -4.46 3.82
N LEU B 90 13.37 -4.24 4.34
CA LEU B 90 13.80 -4.88 5.58
C LEU B 90 12.96 -4.45 6.79
N THR B 91 12.50 -3.22 6.79
CA THR B 91 11.81 -2.65 7.95
C THR B 91 10.31 -2.92 7.94
N GLU B 92 9.68 -2.78 6.79
CA GLU B 92 8.22 -2.84 6.70
C GLU B 92 7.67 -4.19 6.26
N LEU B 93 8.56 -5.13 5.93
CA LEU B 93 8.11 -6.42 5.44
C LEU B 93 8.79 -7.58 6.14
N VAL B 94 10.09 -7.74 5.92
CA VAL B 94 10.87 -8.79 6.58
C VAL B 94 10.68 -8.72 8.08
N ALA B 95 10.88 -7.52 8.63
CA ALA B 95 10.63 -7.30 10.05
C ALA B 95 9.19 -7.65 10.42
N LYS B 96 8.22 -7.07 9.71
CA LYS B 96 6.81 -7.32 9.98
C LYS B 96 6.44 -8.80 9.93
N MET B 97 6.85 -9.47 8.84
CA MET B 97 6.56 -10.89 8.69
C MET B 97 7.23 -11.72 9.78
N ARG B 98 8.43 -11.33 10.19
CA ARG B 98 9.11 -12.03 11.27
C ARG B 98 8.40 -11.86 12.62
N ASP B 99 8.01 -10.62 12.92
CA ASP B 99 7.34 -10.28 14.18
C ASP B 99 5.96 -10.92 14.27
N MET B 100 5.30 -11.06 13.13
CA MET B 100 3.96 -11.65 13.10
C MET B 100 4.00 -13.16 13.04
N ASN B 101 5.18 -13.72 12.77
CA ASN B 101 5.34 -15.15 12.48
C ASN B 101 4.39 -15.54 11.35
N MET B 102 4.37 -14.71 10.32
CA MET B 102 3.49 -14.87 9.17
C MET B 102 3.87 -16.12 8.36
N ASP B 103 2.91 -17.02 8.20
CA ASP B 103 3.18 -18.29 7.51
C ASP B 103 3.02 -18.21 5.99
N ARG B 104 3.31 -19.32 5.32
CA ARG B 104 3.36 -19.36 3.88
C ARG B 104 1.97 -19.32 3.23
N THR B 105 0.95 -19.70 3.98
CA THR B 105 -0.41 -19.69 3.46
C THR B 105 -1.02 -18.29 3.55
N GLU B 106 -0.66 -17.56 4.61
CA GLU B 106 -1.03 -16.15 4.73
C GLU B 106 -0.34 -15.35 3.63
N LEU B 107 0.93 -15.62 3.43
CA LEU B 107 1.70 -14.98 2.36
C LEU B 107 1.08 -15.31 1.01
N GLY B 108 0.74 -16.58 0.82
CA GLY B 108 0.10 -17.03 -0.39
C GLY B 108 -1.22 -16.33 -0.62
N SER B 109 -1.92 -16.03 0.47
CA SER B 109 -3.21 -15.34 0.39
C SER B 109 -3.02 -13.89 -0.03
N LEU B 110 -2.07 -13.22 0.62
CA LEU B 110 -1.78 -11.82 0.29
C LEU B 110 -1.32 -11.68 -1.16
N ARG B 111 -0.42 -12.56 -1.58
CA ARG B 111 0.05 -12.57 -2.96
C ARG B 111 -1.08 -12.92 -3.92
N SER B 112 -2.03 -13.74 -3.47
CA SER B 112 -3.22 -14.04 -4.25
C SER B 112 -4.05 -12.79 -4.45
N ILE B 113 -4.13 -11.97 -3.40
CA ILE B 113 -4.84 -10.70 -3.47
C ILE B 113 -4.15 -9.75 -4.43
N ILE B 114 -2.83 -9.68 -4.37
CA ILE B 114 -2.06 -8.83 -5.27
C ILE B 114 -2.25 -9.25 -6.72
N LEU B 115 -2.17 -10.55 -6.95
CA LEU B 115 -2.34 -11.13 -8.29
C LEU B 115 -3.72 -10.79 -8.85
N PHE B 116 -4.76 -11.04 -8.07
CA PHE B 116 -6.13 -10.74 -8.47
C PHE B 116 -6.43 -9.25 -8.30
N ASN B 117 -5.93 -8.43 -9.22
CA ASN B 117 -6.12 -6.99 -9.15
C ASN B 117 -7.05 -6.49 -10.25
N PRO B 118 -8.28 -6.08 -9.87
CA PRO B 118 -9.31 -5.66 -10.81
C PRO B 118 -9.12 -4.23 -11.30
N GLU B 119 -8.07 -3.56 -10.81
CA GLU B 119 -7.84 -2.16 -11.15
C GLU B 119 -6.98 -2.00 -12.39
N VAL B 120 -6.37 -3.09 -12.85
CA VAL B 120 -5.47 -3.01 -14.00
C VAL B 120 -6.23 -2.76 -15.29
N ARG B 121 -5.58 -2.06 -16.21
CA ARG B 121 -6.24 -1.60 -17.43
C ARG B 121 -6.25 -2.68 -18.52
N GLY B 122 -7.35 -2.74 -19.26
CA GLY B 122 -7.48 -3.67 -20.37
C GLY B 122 -8.06 -5.01 -19.97
N LEU B 123 -8.35 -5.14 -18.69
CA LEU B 123 -8.91 -6.37 -18.14
C LEU B 123 -10.28 -6.64 -18.74
N LYS B 124 -10.45 -7.80 -19.34
CA LYS B 124 -11.76 -8.20 -19.87
C LYS B 124 -12.71 -8.58 -18.75
N SER B 125 -12.29 -9.54 -17.93
CA SER B 125 -13.12 -10.05 -16.84
C SER B 125 -12.75 -9.38 -15.54
N GLY B 126 -12.94 -8.07 -15.48
CA GLY B 126 -12.61 -7.31 -14.29
C GLY B 126 -13.43 -7.70 -13.07
N GLN B 127 -14.74 -7.81 -13.25
CA GLN B 127 -15.65 -8.20 -12.18
C GLN B 127 -15.31 -9.60 -11.65
N GLU B 128 -15.03 -10.52 -12.57
CA GLU B 128 -14.65 -11.88 -12.20
C GLU B 128 -13.35 -11.90 -11.40
N VAL B 129 -12.42 -11.03 -11.76
CA VAL B 129 -11.17 -10.89 -11.02
C VAL B 129 -11.49 -10.38 -9.61
N GLU B 130 -12.40 -9.41 -9.53
CA GLU B 130 -12.78 -8.84 -8.23
C GLU B 130 -13.41 -9.84 -7.25
N LEU B 131 -14.41 -10.61 -7.68
CA LEU B 131 -15.02 -11.56 -6.74
C LEU B 131 -14.27 -12.91 -6.62
N LEU B 132 -13.03 -12.94 -7.09
CA LEU B 132 -12.10 -14.03 -6.78
C LEU B 132 -11.23 -13.52 -5.63
N ARG B 133 -10.88 -12.25 -5.74
CA ARG B 133 -10.17 -11.55 -4.68
C ARG B 133 -10.98 -11.54 -3.40
N GLU B 134 -12.30 -11.38 -3.51
CA GLU B 134 -13.19 -11.41 -2.36
C GLU B 134 -13.22 -12.81 -1.73
N LYS B 135 -13.13 -13.84 -2.59
CA LYS B 135 -13.02 -15.21 -2.12
C LYS B 135 -11.75 -15.38 -1.31
N VAL B 136 -10.64 -14.87 -1.83
CA VAL B 136 -9.37 -14.91 -1.11
C VAL B 136 -9.50 -14.18 0.23
N TYR B 137 -10.22 -13.06 0.23
CA TYR B 137 -10.52 -12.31 1.44
C TYR B 137 -11.20 -13.20 2.48
N ALA B 138 -12.33 -13.79 2.10
CA ALA B 138 -13.10 -14.63 3.01
C ALA B 138 -12.29 -15.80 3.55
N ALA B 139 -11.60 -16.49 2.63
CA ALA B 139 -10.78 -17.63 2.99
C ALA B 139 -9.70 -17.25 3.98
N LEU B 140 -9.10 -16.08 3.77
CA LEU B 140 -8.05 -15.58 4.65
C LEU B 140 -8.59 -15.22 6.03
N GLU B 141 -9.74 -14.57 6.06
CA GLU B 141 -10.36 -14.22 7.33
C GLU B 141 -10.68 -15.48 8.13
N GLU B 142 -11.20 -16.49 7.43
CA GLU B 142 -11.48 -17.78 8.06
C GLU B 142 -10.21 -18.42 8.59
N TYR B 143 -9.14 -18.35 7.80
CA TYR B 143 -7.85 -18.91 8.18
C TYR B 143 -7.29 -18.26 9.44
N THR B 144 -7.32 -16.94 9.48
CA THR B 144 -6.84 -16.21 10.65
C THR B 144 -7.74 -16.47 11.85
N ARG B 145 -9.01 -16.72 11.58
CA ARG B 145 -9.96 -17.03 12.63
C ARG B 145 -9.65 -18.36 13.30
N VAL B 146 -9.40 -19.39 12.49
CA VAL B 146 -9.20 -20.74 13.03
C VAL B 146 -7.76 -21.04 13.45
N THR B 147 -6.81 -20.26 12.94
CA THR B 147 -5.40 -20.50 13.24
C THR B 147 -4.90 -19.58 14.36
N ARG B 148 -5.42 -18.36 14.38
CA ARG B 148 -5.09 -17.42 15.45
C ARG B 148 -6.35 -16.88 16.11
N PRO B 149 -7.09 -17.74 16.84
CA PRO B 149 -8.36 -17.33 17.44
C PRO B 149 -8.17 -16.29 18.54
N GLU B 150 -6.96 -16.14 19.04
CA GLU B 150 -6.67 -15.18 20.10
C GLU B 150 -5.99 -13.91 19.59
N GLU B 151 -5.83 -13.80 18.27
CA GLU B 151 -5.40 -12.56 17.65
C GLU B 151 -6.48 -12.05 16.70
N PRO B 152 -7.51 -11.38 17.26
CA PRO B 152 -8.67 -10.94 16.49
C PRO B 152 -8.36 -9.88 15.45
N GLY B 153 -7.28 -9.13 15.65
CA GLY B 153 -6.91 -8.06 14.74
C GLY B 153 -5.81 -8.44 13.77
N ARG B 154 -5.62 -9.74 13.56
CA ARG B 154 -4.56 -10.22 12.68
C ARG B 154 -4.91 -10.08 11.20
N PHE B 155 -6.19 -10.20 10.88
CA PHE B 155 -6.67 -10.11 9.50
C PHE B 155 -6.30 -8.76 8.89
N ALA B 156 -6.71 -7.69 9.58
CA ALA B 156 -6.38 -6.33 9.17
C ALA B 156 -4.87 -6.12 9.13
N LYS B 157 -4.15 -6.78 10.04
CA LYS B 157 -2.71 -6.64 10.13
C LYS B 157 -2.00 -7.31 8.95
N LEU B 158 -2.62 -8.34 8.38
CA LEU B 158 -2.15 -8.96 7.16
C LEU B 158 -2.47 -8.05 5.99
N LEU B 159 -3.70 -7.54 5.98
CA LEU B 159 -4.16 -6.68 4.89
C LEU B 159 -3.41 -5.36 4.82
N LEU B 160 -2.80 -4.95 5.93
CA LEU B 160 -2.06 -3.69 5.97
C LEU B 160 -0.68 -3.77 5.34
N ARG B 161 -0.25 -4.99 5.01
CA ARG B 161 1.02 -5.17 4.33
C ARG B 161 0.88 -4.81 2.85
N LEU B 162 -0.35 -4.89 2.35
CA LEU B 162 -0.64 -4.60 0.95
C LEU B 162 -0.30 -3.18 0.48
N PRO B 163 -0.73 -2.14 1.23
CA PRO B 163 -0.36 -0.79 0.79
C PRO B 163 1.15 -0.55 0.85
N ALA B 164 1.83 -1.20 1.80
CA ALA B 164 3.28 -1.10 1.90
C ALA B 164 3.92 -1.74 0.68
N LEU B 165 3.44 -2.93 0.32
CA LEU B 165 3.90 -3.63 -0.86
C LEU B 165 3.63 -2.81 -2.12
N ARG B 166 2.60 -1.97 -2.05
CA ARG B 166 2.25 -1.10 -3.16
C ARG B 166 3.25 0.05 -3.28
N SER B 167 3.48 0.75 -2.17
CA SER B 167 4.40 1.88 -2.16
C SER B 167 5.81 1.44 -2.55
N ILE B 168 6.26 0.35 -1.95
CA ILE B 168 7.58 -0.20 -2.25
C ILE B 168 7.63 -0.71 -3.69
N GLY B 169 6.54 -1.34 -4.12
CA GLY B 169 6.44 -1.85 -5.48
C GLY B 169 6.47 -0.74 -6.51
N LEU B 170 6.12 0.47 -6.08
CA LEU B 170 6.19 1.65 -6.94
C LEU B 170 7.60 2.24 -6.89
N LYS B 171 8.28 2.03 -5.76
CA LYS B 171 9.65 2.51 -5.60
C LYS B 171 10.66 1.55 -6.24
N CYS B 172 10.39 0.26 -6.15
CA CYS B 172 10.94 -0.65 -7.14
C CYS B 172 10.23 -0.17 -8.38
N LEU B 173 10.92 -0.19 -9.52
CA LEU B 173 10.65 0.68 -10.69
C LEU B 173 11.47 1.95 -10.54
N GLU B 174 12.59 1.79 -9.85
CA GLU B 174 13.81 2.56 -10.03
C GLU B 174 14.69 1.34 -10.17
N HIS B 175 14.21 0.49 -11.06
CA HIS B 175 14.51 -0.93 -11.08
CA HIS B 175 14.68 -0.90 -11.28
C HIS B 175 15.59 -1.54 -10.20
N LEU B 176 15.08 -2.50 -9.44
CA LEU B 176 15.91 -3.38 -8.63
C LEU B 176 16.27 -4.53 -9.55
N PHE B 177 16.77 -4.19 -10.73
CA PHE B 177 17.42 -5.13 -11.62
C PHE B 177 18.90 -4.77 -11.49
N PHE B 178 19.16 -3.85 -10.56
CA PHE B 178 20.50 -3.40 -10.21
C PHE B 178 21.32 -4.50 -9.56
N PHE B 179 20.70 -5.66 -9.37
CA PHE B 179 21.39 -6.82 -8.87
C PHE B 179 21.59 -7.83 -10.01
N ARG B 180 21.88 -7.29 -11.20
CA ARG B 180 22.48 -8.09 -12.26
C ARG B 180 23.96 -7.96 -11.95
N LEU B 181 24.26 -6.87 -11.25
CA LEU B 181 25.55 -6.57 -10.64
C LEU B 181 26.21 -7.77 -9.97
N ILE B 182 25.40 -8.78 -9.66
CA ILE B 182 25.89 -10.09 -9.27
C ILE B 182 26.69 -10.72 -10.42
N GLY B 183 26.33 -10.39 -11.66
CA GLY B 183 26.98 -10.94 -12.82
C GLY B 183 28.50 -10.84 -12.81
N ASP B 184 29.02 -9.85 -12.08
CA ASP B 184 30.46 -9.61 -12.04
C ASP B 184 31.03 -9.63 -10.62
N ILE B 185 30.35 -10.25 -9.68
CA ILE B 185 30.91 -10.41 -8.33
C ILE B 185 31.49 -11.83 -8.10
N PRO B 186 30.76 -12.88 -8.51
CA PRO B 186 31.39 -14.19 -8.69
C PRO B 186 32.75 -14.11 -9.40
N ILE B 187 32.90 -13.32 -10.47
CA ILE B 187 34.21 -13.21 -11.12
C ILE B 187 35.22 -12.47 -10.23
N ASP B 188 34.77 -11.42 -9.57
CA ASP B 188 35.65 -10.63 -8.71
C ASP B 188 36.11 -11.47 -7.51
N THR B 189 35.21 -12.26 -6.94
CA THR B 189 35.57 -13.20 -5.87
C THR B 189 36.08 -14.52 -6.45
N PHE B 190 36.27 -14.55 -7.77
CA PHE B 190 36.94 -15.66 -8.45
C PHE B 190 38.32 -15.21 -8.93
N LEU B 191 38.64 -13.93 -8.67
CA LEU B 191 39.97 -13.44 -8.97
C LEU B 191 40.82 -13.46 -7.71
N MET B 192 40.34 -12.76 -6.69
CA MET B 192 40.60 -13.23 -5.33
C MET B 192 39.71 -14.47 -5.17
N ASP B 193 40.16 -15.57 -5.77
CA ASP B 193 39.46 -16.85 -5.75
C ASP B 193 39.94 -17.67 -4.56
N MET B 194 40.91 -17.12 -3.85
CA MET B 194 41.70 -17.86 -2.88
C MET B 194 41.37 -17.59 -1.42
N LEU B 195 42.22 -18.14 -0.55
CA LEU B 195 42.00 -18.15 0.90
C LEU B 195 40.69 -18.86 1.25
N GLY B 196 40.51 -20.05 0.67
CA GLY B 196 39.31 -20.87 0.79
C GLY B 196 38.35 -20.58 1.94
#